data_3SS9
#
_entry.id   3SS9
#
_cell.length_a   143.160
_cell.length_b   47.738
_cell.length_c   72.300
_cell.angle_alpha   90.000
_cell.angle_beta   90.000
_cell.angle_gamma   90.000
#
_symmetry.space_group_name_H-M   'P 21 21 2'
#
loop_
_entity.id
_entity.type
_entity.pdbx_description
1 polymer 'D-serine dehydratase'
2 non-polymer "PYRIDOXAL-5'-PHOSPHATE"
3 non-polymer 'POTASSIUM ION'
4 water water
#
_entity_poly.entity_id   1
_entity_poly.type   'polypeptide(L)'
_entity_poly.pdbx_seq_one_letter_code
;MENAKMNSLIAQYPLVKDLVALKETTWFNPGTTSLAEGLPYVGLTEQDVQDAHARLSRFAPYLAKAFPETAATGGIIESE
LVAIPAMQKRLEKEYQQPISGQLLLKKDSHLPISGSIKARGGIYEVLAHAEKLALEAGLLTLDDDYSKLLSPEFKQFFSQ
YSIAVGSTGNLGLSIGIMSARIGFKVTVHMSADARAWKKAKLRSHGVTVVEYEQDYGVAVEEGRKAAQSDPNCFFIDDEN
SRTLFLGYSVAGQRLKAQFAQQGRIVDADNPLFVYLPCGVGGGPGGVAFGLKLAFGDHVHCFFAEPTHSPCMLLGVHTGL
HDQISVQDIGIDNLTAADGLAVGRASGFVGRAMERLLDGFYTLSDQTMYDMLGWLAQEEGIRLEPSALAGMAGPQRVCAS
VSYQQMHGFSAEQLRNTTHLVWATGGGMVPEEEMNQYLAKGR
;
_entity_poly.pdbx_strand_id   X
#
loop_
_chem_comp.id
_chem_comp.type
_chem_comp.name
_chem_comp.formula
K non-polymer 'POTASSIUM ION' 'K 1'
PLP non-polymer PYRIDOXAL-5'-PHOSPHATE 'C8 H10 N O6 P'
#
# COMPACT_ATOMS: atom_id res chain seq x y z
N GLN A 12 30.11 4.60 12.24
CA GLN A 12 28.96 3.94 11.54
C GLN A 12 29.39 3.33 10.20
N TYR A 13 28.71 2.23 9.83
CA TYR A 13 28.89 1.61 8.54
C TYR A 13 28.37 2.54 7.42
N PRO A 14 28.89 2.37 6.18
CA PRO A 14 28.13 2.89 5.04
C PRO A 14 26.75 2.22 4.96
N LEU A 15 25.81 2.91 4.32
CA LEU A 15 24.40 2.49 4.31
C LEU A 15 24.20 1.03 3.92
N VAL A 16 24.81 0.58 2.83
CA VAL A 16 24.58 -0.77 2.33
C VAL A 16 25.09 -1.81 3.31
N LYS A 17 26.17 -1.50 4.02
CA LYS A 17 26.68 -2.41 5.06
C LYS A 17 25.72 -2.52 6.27
N ASP A 18 25.09 -1.41 6.66
CA ASP A 18 23.96 -1.45 7.61
C ASP A 18 22.90 -2.44 7.16
N LEU A 19 22.56 -2.38 5.88
CA LEU A 19 21.58 -3.27 5.25
C LEU A 19 22.01 -4.73 5.37
N VAL A 20 23.27 -4.96 4.96
CA VAL A 20 23.85 -6.29 5.04
C VAL A 20 23.80 -6.81 6.49
N ALA A 21 24.10 -5.94 7.45
CA ALA A 21 24.14 -6.31 8.87
C ALA A 21 22.75 -6.39 9.54
N LEU A 22 21.70 -6.05 8.78
CA LEU A 22 20.33 -5.99 9.33
C LEU A 22 20.20 -4.96 10.46
N LYS A 23 20.97 -3.88 10.38
CA LYS A 23 20.83 -2.80 11.34
C LYS A 23 19.75 -1.84 10.84
N GLU A 24 18.87 -1.41 11.74
CA GLU A 24 17.86 -0.38 11.40
C GLU A 24 18.61 0.84 10.88
N THR A 25 18.17 1.36 9.73
CA THR A 25 18.89 2.45 9.09
C THR A 25 17.94 3.38 8.34
N THR A 26 18.47 4.53 7.91
CA THR A 26 17.67 5.57 7.30
C THR A 26 18.51 6.20 6.22
N TRP A 27 17.95 6.32 5.02
CA TRP A 27 18.61 7.03 3.96
C TRP A 27 17.75 8.15 3.45
N PHE A 28 18.24 9.37 3.56
CA PHE A 28 17.54 10.52 3.02
C PHE A 28 18.05 10.77 1.62
N ASN A 29 17.11 10.83 0.68
CA ASN A 29 17.38 10.99 -0.73
C ASN A 29 17.92 12.40 -1.05
N PRO A 30 19.20 12.50 -1.49
CA PRO A 30 19.77 13.81 -1.83
C PRO A 30 19.39 14.33 -3.22
N GLY A 31 18.74 13.50 -4.03
CA GLY A 31 18.30 13.94 -5.36
C GLY A 31 16.81 14.10 -5.58
N THR A 32 16.09 14.60 -4.58
CA THR A 32 14.67 14.91 -4.77
C THR A 32 14.55 16.16 -5.63
N THR A 33 13.45 16.29 -6.34
CA THR A 33 13.26 17.44 -7.21
C THR A 33 11.92 18.08 -6.95
N SER A 34 11.70 19.22 -7.59
CA SER A 34 10.38 19.81 -7.62
C SER A 34 9.43 18.84 -8.34
N LEU A 35 8.13 18.99 -8.07
CA LEU A 35 7.14 18.16 -8.73
C LEU A 35 7.25 18.30 -10.27
N ALA A 36 7.37 19.54 -10.74
CA ALA A 36 7.50 19.79 -12.20
C ALA A 36 8.70 19.05 -12.81
N GLU A 37 9.83 19.08 -12.12
CA GLU A 37 11.01 18.37 -12.60
CA GLU A 37 11.05 18.37 -12.55
C GLU A 37 10.89 16.85 -12.53
N GLY A 38 10.09 16.34 -11.59
CA GLY A 38 9.91 14.88 -11.43
C GLY A 38 8.87 14.24 -12.34
N LEU A 39 7.88 15.03 -12.74
CA LEU A 39 6.73 14.49 -13.46
C LEU A 39 6.99 13.73 -14.76
N PRO A 40 7.95 14.21 -15.59
CA PRO A 40 8.26 13.48 -16.83
C PRO A 40 8.64 12.02 -16.63
N TYR A 41 9.22 11.70 -15.46
CA TYR A 41 9.77 10.37 -15.22
C TYR A 41 8.74 9.41 -14.65
N VAL A 42 7.56 9.93 -14.28
CA VAL A 42 6.54 9.04 -13.70
C VAL A 42 5.94 8.12 -14.75
N GLY A 43 5.73 8.64 -15.96
CA GLY A 43 5.08 7.90 -17.02
C GLY A 43 3.56 7.90 -16.90
N LEU A 44 3.05 8.57 -15.86
CA LEU A 44 1.62 8.76 -15.65
C LEU A 44 1.33 10.18 -15.21
N THR A 45 0.10 10.62 -15.42
CA THR A 45 -0.26 12.00 -15.21
C THR A 45 -1.51 12.14 -14.35
N GLU A 46 -1.77 13.37 -13.93
CA GLU A 46 -2.97 13.70 -13.20
C GLU A 46 -4.24 13.32 -13.96
N GLN A 47 -4.20 13.40 -15.30
CA GLN A 47 -5.36 12.97 -16.09
C GLN A 47 -5.63 11.48 -15.91
N ASP A 48 -4.57 10.67 -15.90
CA ASP A 48 -4.68 9.22 -15.63
C ASP A 48 -5.33 8.98 -14.24
N VAL A 49 -4.88 9.75 -13.25
CA VAL A 49 -5.37 9.62 -11.87
C VAL A 49 -6.85 10.03 -11.82
N GLN A 50 -7.21 11.14 -12.46
CA GLN A 50 -8.62 11.52 -12.55
C GLN A 50 -9.49 10.49 -13.29
N ASP A 51 -8.94 9.84 -14.34
CA ASP A 51 -9.68 8.73 -14.97
C ASP A 51 -9.92 7.54 -13.99
N ALA A 52 -8.95 7.24 -13.14
CA ALA A 52 -9.18 6.25 -12.07
C ALA A 52 -10.32 6.67 -11.10
N HIS A 53 -10.29 7.92 -10.62
CA HIS A 53 -11.38 8.42 -9.80
C HIS A 53 -12.72 8.23 -10.51
N ALA A 54 -12.78 8.62 -11.78
CA ALA A 54 -14.02 8.56 -12.54
C ALA A 54 -14.50 7.10 -12.68
N ARG A 55 -13.57 6.16 -12.90
CA ARG A 55 -13.91 4.74 -13.01
C ARG A 55 -14.50 4.21 -11.68
N LEU A 56 -13.88 4.57 -10.56
CA LEU A 56 -14.38 4.15 -9.26
C LEU A 56 -15.76 4.76 -8.97
N SER A 57 -15.97 5.99 -9.43
CA SER A 57 -17.28 6.60 -9.34
C SER A 57 -18.34 5.87 -10.19
N ARG A 58 -17.94 5.43 -11.38
CA ARG A 58 -18.87 4.67 -12.23
C ARG A 58 -19.24 3.35 -11.54
N PHE A 59 -18.29 2.76 -10.82
CA PHE A 59 -18.51 1.47 -10.15
C PHE A 59 -19.18 1.60 -8.78
N ALA A 60 -19.25 2.81 -8.25
CA ALA A 60 -19.83 3.04 -6.92
C ALA A 60 -21.26 2.42 -6.75
N PRO A 61 -22.21 2.69 -7.68
CA PRO A 61 -23.53 1.99 -7.54
C PRO A 61 -23.49 0.45 -7.61
N TYR A 62 -22.56 -0.12 -8.35
CA TYR A 62 -22.34 -1.57 -8.33
C TYR A 62 -21.84 -2.06 -6.96
N LEU A 63 -20.80 -1.42 -6.47
CA LEU A 63 -20.17 -1.78 -5.18
C LEU A 63 -21.13 -1.64 -3.98
N ALA A 64 -21.96 -0.61 -4.00
CA ALA A 64 -22.93 -0.40 -2.91
C ALA A 64 -23.89 -1.60 -2.77
N LYS A 65 -24.19 -2.23 -3.90
CA LYS A 65 -25.09 -3.40 -3.94
C LYS A 65 -24.28 -4.69 -3.81
N ALA A 66 -23.16 -4.79 -4.50
CA ALA A 66 -22.35 -6.02 -4.44
C ALA A 66 -21.75 -6.28 -3.05
N PHE A 67 -21.29 -5.22 -2.39
CA PHE A 67 -20.74 -5.29 -1.05
C PHE A 67 -21.51 -4.30 -0.17
N PRO A 68 -22.64 -4.73 0.41
CA PRO A 68 -23.53 -3.85 1.20
C PRO A 68 -22.85 -3.08 2.33
N GLU A 69 -21.70 -3.57 2.81
CA GLU A 69 -20.91 -2.82 3.81
C GLU A 69 -20.53 -1.41 3.31
N THR A 70 -20.44 -1.23 1.99
CA THR A 70 -20.20 0.09 1.38
C THR A 70 -21.46 0.93 1.05
N ALA A 71 -22.66 0.39 1.25
CA ALA A 71 -23.90 1.13 0.91
C ALA A 71 -24.00 2.53 1.54
N ALA A 72 -23.57 2.67 2.80
CA ALA A 72 -23.68 3.94 3.53
C ALA A 72 -22.71 5.04 3.03
N THR A 73 -21.70 4.64 2.25
CA THR A 73 -20.82 5.61 1.58
C THR A 73 -21.02 5.52 0.06
N GLY A 74 -22.08 4.80 -0.34
CA GLY A 74 -22.00 3.87 -1.48
C GLY A 74 -21.51 4.15 -2.88
N GLY A 75 -20.74 3.25 -3.45
CA GLY A 75 -19.96 2.27 -2.75
C GLY A 75 -18.58 2.84 -3.00
N ILE A 76 -18.28 3.93 -2.28
CA ILE A 76 -16.93 4.51 -2.23
C ILE A 76 -16.17 3.71 -1.17
N ILE A 77 -14.97 3.28 -1.56
CA ILE A 77 -14.05 2.56 -0.70
C ILE A 77 -13.01 3.57 -0.21
N GLU A 78 -13.14 3.96 1.06
CA GLU A 78 -12.31 5.02 1.68
C GLU A 78 -12.17 4.75 3.18
N SER A 79 -11.14 5.32 3.79
CA SER A 79 -10.86 5.00 5.18
C SER A 79 -10.80 6.26 6.03
N GLU A 80 -10.84 6.09 7.35
CA GLU A 80 -10.80 7.26 8.23
C GLU A 80 -9.40 7.82 8.37
N LEU A 81 -9.34 9.13 8.60
CA LEU A 81 -8.14 9.84 8.98
C LEU A 81 -8.30 10.31 10.43
N VAL A 82 -7.43 9.86 11.32
CA VAL A 82 -7.62 10.15 12.76
C VAL A 82 -6.37 10.75 13.38
N ALA A 83 -6.54 11.47 14.48
CA ALA A 83 -5.39 11.99 15.23
C ALA A 83 -4.99 10.99 16.32
N ILE A 84 -3.69 10.79 16.51
CA ILE A 84 -3.22 9.84 17.53
C ILE A 84 -2.21 10.49 18.51
N PRO A 85 -2.64 11.54 19.24
CA PRO A 85 -1.71 12.23 20.14
C PRO A 85 -1.26 11.41 21.36
N ALA A 86 -2.07 10.44 21.80
CA ALA A 86 -1.63 9.57 22.91
C ALA A 86 -0.48 8.68 22.44
N MET A 87 -0.61 8.09 21.25
CA MET A 87 0.48 7.31 20.69
C MET A 87 1.73 8.18 20.48
N GLN A 88 1.53 9.40 20.02
CA GLN A 88 2.62 10.34 19.83
C GLN A 88 3.42 10.51 21.13
N LYS A 89 2.73 10.77 22.24
CA LYS A 89 3.41 10.90 23.54
C LYS A 89 4.10 9.62 23.98
N ARG A 90 3.47 8.48 23.69
CA ARG A 90 4.05 7.18 24.04
C ARG A 90 5.36 6.95 23.31
N LEU A 91 5.36 7.24 22.01
CA LEU A 91 6.56 7.13 21.19
C LEU A 91 7.68 8.04 21.72
N GLU A 92 7.33 9.26 22.09
CA GLU A 92 8.34 10.19 22.63
C GLU A 92 8.94 9.66 23.93
N LYS A 93 8.08 9.13 24.80
CA LYS A 93 8.51 8.45 26.04
C LYS A 93 9.43 7.23 25.79
N GLU A 94 9.00 6.31 24.92
CA GLU A 94 9.73 5.07 24.70
C GLU A 94 11.05 5.23 23.95
N TYR A 95 11.09 6.16 23.00
CA TYR A 95 12.28 6.26 22.15
C TYR A 95 13.08 7.53 22.40
N GLN A 96 12.66 8.29 23.42
CA GLN A 96 13.37 9.51 23.84
C GLN A 96 13.72 10.44 22.68
N GLN A 97 12.79 10.62 21.75
CA GLN A 97 12.95 11.59 20.65
C GLN A 97 11.62 12.31 20.45
N PRO A 98 11.61 13.63 20.64
CA PRO A 98 10.38 14.42 20.43
C PRO A 98 9.85 14.34 19.01
N ILE A 99 8.52 14.34 18.88
CA ILE A 99 7.85 14.43 17.59
C ILE A 99 7.21 15.79 17.57
N SER A 100 7.78 16.66 16.74
CA SER A 100 7.27 17.98 16.45
C SER A 100 5.88 17.88 15.80
N GLY A 101 5.04 18.87 16.02
CA GLY A 101 3.80 18.93 15.28
C GLY A 101 2.76 17.93 15.72
N GLN A 102 1.95 17.50 14.76
CA GLN A 102 0.82 16.60 15.04
C GLN A 102 1.00 15.25 14.37
N LEU A 103 0.66 14.19 15.09
CA LEU A 103 0.72 12.84 14.55
C LEU A 103 -0.68 12.34 14.21
N LEU A 104 -0.84 11.91 12.95
CA LEU A 104 -2.14 11.38 12.52
C LEU A 104 -1.94 9.98 11.94
N LEU A 105 -3.05 9.28 11.79
CA LEU A 105 -3.02 7.93 11.28
C LEU A 105 -4.06 7.80 10.19
N LYS A 106 -3.65 7.26 9.04
CA LYS A 106 -4.58 6.98 7.94
C LYS A 106 -4.90 5.51 8.03
N LYS A 107 -6.17 5.17 8.27
CA LYS A 107 -6.55 3.79 8.58
C LYS A 107 -6.92 2.90 7.37
N ASP A 108 -5.99 2.74 6.42
CA ASP A 108 -6.27 1.86 5.27
C ASP A 108 -6.37 0.39 5.74
N SER A 109 -5.81 0.12 6.92
CA SER A 109 -6.08 -1.11 7.68
C SER A 109 -7.56 -1.44 7.79
N HIS A 110 -8.40 -0.41 7.71
CA HIS A 110 -9.83 -0.54 7.95
C HIS A 110 -10.64 -0.16 6.72
N LEU A 111 -10.02 -0.24 5.55
CA LEU A 111 -10.79 -0.11 4.32
C LEU A 111 -11.79 -1.28 4.27
N PRO A 112 -12.97 -1.04 3.70
CA PRO A 112 -13.96 -2.12 3.59
C PRO A 112 -13.54 -3.25 2.64
N ILE A 113 -14.27 -4.36 2.71
CA ILE A 113 -14.17 -5.50 1.79
C ILE A 113 -12.96 -6.37 2.09
N SER A 114 -11.76 -5.79 2.11
CA SER A 114 -10.59 -6.64 2.31
C SER A 114 -9.58 -6.19 3.37
N GLY A 115 -9.87 -5.11 4.08
CA GLY A 115 -9.07 -4.66 5.23
C GLY A 115 -7.57 -4.38 5.03
N SER A 116 -7.23 -3.74 3.92
CA SER A 116 -5.83 -3.38 3.67
C SER A 116 -5.76 -2.38 2.56
N ILE A 117 -4.60 -1.76 2.39
CA ILE A 117 -4.33 -0.81 1.30
C ILE A 117 -4.60 -1.46 -0.09
N LYS A 118 -4.56 -2.79 -0.17
CA LYS A 118 -4.86 -3.51 -1.42
C LYS A 118 -6.32 -3.40 -1.85
N ALA A 119 -7.19 -3.05 -0.90
CA ALA A 119 -8.55 -2.65 -1.25
C ALA A 119 -8.59 -1.44 -2.21
N ARG A 120 -7.48 -0.70 -2.33
CA ARG A 120 -7.36 0.38 -3.33
C ARG A 120 -6.95 -0.21 -4.68
N GLY A 121 -5.70 -0.62 -4.83
CA GLY A 121 -5.16 -0.98 -6.14
C GLY A 121 -5.66 -2.31 -6.66
N GLY A 122 -5.67 -3.32 -5.79
CA GLY A 122 -6.15 -4.67 -6.15
C GLY A 122 -7.58 -4.68 -6.63
N ILE A 123 -8.46 -4.10 -5.80
CA ILE A 123 -9.85 -3.99 -6.19
C ILE A 123 -10.00 -3.20 -7.50
N TYR A 124 -9.31 -2.05 -7.59
CA TYR A 124 -9.39 -1.21 -8.77
C TYR A 124 -9.00 -1.96 -10.07
N GLU A 125 -7.93 -2.75 -9.99
CA GLU A 125 -7.41 -3.48 -11.14
C GLU A 125 -8.46 -4.50 -11.59
N VAL A 126 -9.07 -5.20 -10.62
CA VAL A 126 -10.15 -6.12 -10.95
C VAL A 126 -11.33 -5.45 -11.61
N LEU A 127 -11.80 -4.33 -11.07
CA LEU A 127 -12.91 -3.59 -11.67
C LEU A 127 -12.59 -3.07 -13.09
N ALA A 128 -11.37 -2.56 -13.26
CA ALA A 128 -10.94 -2.04 -14.55
C ALA A 128 -10.98 -3.18 -15.59
N HIS A 129 -10.55 -4.38 -15.18
CA HIS A 129 -10.55 -5.56 -16.04
C HIS A 129 -11.97 -5.99 -16.43
N ALA A 130 -12.87 -6.04 -15.46
CA ALA A 130 -14.29 -6.32 -15.73
C ALA A 130 -14.90 -5.32 -16.69
N GLU A 131 -14.60 -4.03 -16.46
CA GLU A 131 -15.18 -2.98 -17.30
C GLU A 131 -14.72 -3.15 -18.76
N LYS A 132 -13.40 -3.34 -18.92
CA LYS A 132 -12.76 -3.52 -20.22
C LYS A 132 -13.43 -4.67 -20.99
N LEU A 133 -13.58 -5.82 -20.33
CA LEU A 133 -14.20 -7.00 -20.94
C LEU A 133 -15.65 -6.73 -21.36
N ALA A 134 -16.40 -6.13 -20.44
CA ALA A 134 -17.81 -5.83 -20.63
C ALA A 134 -18.04 -4.82 -21.76
N LEU A 135 -17.21 -3.78 -21.79
CA LEU A 135 -17.23 -2.79 -22.87
C LEU A 135 -16.95 -3.47 -24.22
N GLU A 136 -15.83 -4.19 -24.30
CA GLU A 136 -15.41 -4.86 -25.54
C GLU A 136 -16.42 -5.92 -26.04
N ALA A 137 -17.19 -6.50 -25.11
CA ALA A 137 -18.21 -7.48 -25.48
C ALA A 137 -19.46 -6.86 -26.09
N GLY A 138 -19.58 -5.53 -26.01
CA GLY A 138 -20.81 -4.84 -26.41
C GLY A 138 -21.92 -4.88 -25.36
N LEU A 139 -21.57 -5.31 -24.15
CA LEU A 139 -22.54 -5.45 -23.05
C LEU A 139 -22.73 -4.19 -22.18
N LEU A 140 -21.84 -3.20 -22.30
CA LEU A 140 -21.81 -2.06 -21.39
C LEU A 140 -21.33 -0.81 -22.13
N THR A 141 -21.87 0.35 -21.74
CA THR A 141 -21.35 1.64 -22.21
C THR A 141 -20.97 2.46 -20.98
N LEU A 142 -20.13 3.47 -21.19
CA LEU A 142 -19.63 4.28 -20.09
C LEU A 142 -20.71 5.05 -19.32
N ASP A 143 -21.85 5.30 -19.96
CA ASP A 143 -22.92 6.03 -19.28
C ASP A 143 -23.99 5.14 -18.66
N ASP A 144 -23.78 3.83 -18.69
CA ASP A 144 -24.68 2.88 -18.03
C ASP A 144 -24.63 3.02 -16.51
N ASP A 145 -25.70 2.55 -15.87
CA ASP A 145 -25.70 2.27 -14.43
C ASP A 145 -24.99 0.94 -14.24
N TYR A 146 -23.82 0.96 -13.60
CA TYR A 146 -23.00 -0.26 -13.44
C TYR A 146 -23.57 -1.31 -12.49
N SER A 147 -24.61 -0.99 -11.71
CA SER A 147 -25.27 -2.04 -10.92
C SER A 147 -25.89 -3.15 -11.80
N LYS A 148 -26.08 -2.86 -13.09
CA LYS A 148 -26.52 -3.91 -14.03
C LYS A 148 -25.54 -5.07 -14.10
N LEU A 149 -24.29 -4.85 -13.68
CA LEU A 149 -23.26 -5.91 -13.71
C LEU A 149 -23.50 -7.01 -12.70
N LEU A 150 -24.47 -6.78 -11.82
CA LEU A 150 -24.83 -7.77 -10.80
C LEU A 150 -25.77 -8.84 -11.36
N SER A 151 -26.27 -8.63 -12.57
CA SER A 151 -27.24 -9.56 -13.16
C SER A 151 -26.66 -10.97 -13.37
N PRO A 152 -27.52 -12.01 -13.36
CA PRO A 152 -27.05 -13.39 -13.62
C PRO A 152 -26.38 -13.56 -14.98
N GLU A 153 -26.82 -12.77 -15.97
CA GLU A 153 -26.23 -12.78 -17.32
CA GLU A 153 -26.22 -12.81 -17.30
C GLU A 153 -24.78 -12.29 -17.25
N PHE A 154 -24.56 -11.24 -16.48
CA PHE A 154 -23.22 -10.70 -16.33
C PHE A 154 -22.33 -11.65 -15.59
N LYS A 155 -22.86 -12.25 -14.52
CA LYS A 155 -22.08 -13.22 -13.74
C LYS A 155 -21.62 -14.40 -14.60
N GLN A 156 -22.52 -14.90 -15.44
CA GLN A 156 -22.20 -15.93 -16.43
C GLN A 156 -21.14 -15.44 -17.44
N PHE A 157 -21.32 -14.24 -18.00
CA PHE A 157 -20.29 -13.62 -18.82
C PHE A 157 -18.91 -13.63 -18.13
N PHE A 158 -18.85 -13.10 -16.92
CA PHE A 158 -17.58 -13.05 -16.20
C PHE A 158 -17.05 -14.44 -15.81
N SER A 159 -17.91 -15.45 -15.61
CA SER A 159 -17.44 -16.82 -15.26
C SER A 159 -16.59 -17.49 -16.35
N GLN A 160 -16.68 -16.97 -17.58
CA GLN A 160 -15.91 -17.44 -18.73
C GLN A 160 -14.46 -16.93 -18.70
N TYR A 161 -14.20 -16.00 -17.77
CA TYR A 161 -12.88 -15.40 -17.64
C TYR A 161 -12.28 -15.69 -16.27
N SER A 162 -10.96 -15.83 -16.22
CA SER A 162 -10.30 -16.10 -14.97
CA SER A 162 -10.25 -16.14 -14.99
C SER A 162 -9.25 -15.06 -14.62
N ILE A 163 -8.95 -14.96 -13.33
CA ILE A 163 -7.92 -14.05 -12.80
C ILE A 163 -6.98 -14.88 -11.94
N ALA A 164 -5.68 -14.61 -12.06
CA ALA A 164 -4.67 -15.22 -11.22
C ALA A 164 -3.80 -14.14 -10.58
N VAL A 165 -3.25 -14.46 -9.42
CA VAL A 165 -2.40 -13.53 -8.67
C VAL A 165 -1.51 -14.34 -7.73
N GLY A 166 -0.27 -13.88 -7.55
CA GLY A 166 0.61 -14.40 -6.49
C GLY A 166 0.60 -13.40 -5.34
N SER A 167 0.68 -13.89 -4.10
CA SER A 167 0.51 -12.97 -2.96
C SER A 167 1.02 -13.51 -1.62
N THR A 168 1.22 -12.61 -0.66
CA THR A 168 1.56 -13.01 0.74
C THR A 168 0.47 -13.18 1.85
N GLY A 169 -0.80 -12.79 1.72
CA GLY A 169 -1.38 -12.03 0.66
C GLY A 169 -2.66 -11.29 1.01
N ASN A 170 -2.51 -10.08 1.55
CA ASN A 170 -3.55 -9.05 1.42
C ASN A 170 -3.94 -8.77 -0.04
N LEU A 171 -2.98 -8.81 -0.96
CA LEU A 171 -3.32 -8.64 -2.37
C LEU A 171 -4.25 -9.77 -2.84
N GLY A 172 -3.90 -11.01 -2.49
CA GLY A 172 -4.74 -12.17 -2.84
C GLY A 172 -6.15 -12.00 -2.29
N LEU A 173 -6.23 -11.59 -1.05
CA LEU A 173 -7.51 -11.36 -0.37
C LEU A 173 -8.34 -10.36 -1.14
N SER A 174 -7.72 -9.22 -1.50
CA SER A 174 -8.43 -8.18 -2.26
C SER A 174 -8.83 -8.64 -3.65
N ILE A 175 -7.89 -9.19 -4.39
CA ILE A 175 -8.27 -9.56 -5.72
C ILE A 175 -9.18 -10.82 -5.70
N GLY A 176 -8.93 -11.76 -4.78
CA GLY A 176 -9.81 -12.93 -4.58
C GLY A 176 -11.26 -12.62 -4.32
N ILE A 177 -11.52 -11.85 -3.26
CA ILE A 177 -12.89 -11.47 -2.87
C ILE A 177 -13.58 -10.63 -3.96
N MET A 178 -12.89 -9.66 -4.55
CA MET A 178 -13.52 -8.84 -5.59
C MET A 178 -13.82 -9.66 -6.84
N SER A 179 -12.86 -10.47 -7.28
CA SER A 179 -13.03 -11.23 -8.53
C SER A 179 -14.16 -12.24 -8.39
N ALA A 180 -14.24 -12.89 -7.23
CA ALA A 180 -15.29 -13.87 -6.96
C ALA A 180 -16.68 -13.23 -6.95
N ARG A 181 -16.81 -12.08 -6.32
CA ARG A 181 -18.09 -11.35 -6.28
C ARG A 181 -18.54 -10.90 -7.67
N ILE A 182 -17.58 -10.46 -8.50
CA ILE A 182 -17.86 -10.08 -9.90
C ILE A 182 -18.41 -11.28 -10.68
N GLY A 183 -17.82 -12.45 -10.45
CA GLY A 183 -18.18 -13.65 -11.19
C GLY A 183 -17.03 -14.33 -11.91
N PHE A 184 -15.85 -13.71 -11.93
CA PHE A 184 -14.64 -14.35 -12.46
C PHE A 184 -14.32 -15.64 -11.68
N LYS A 185 -13.66 -16.59 -12.34
CA LYS A 185 -12.95 -17.66 -11.64
C LYS A 185 -11.64 -17.03 -11.19
N VAL A 186 -11.18 -17.34 -9.98
CA VAL A 186 -9.97 -16.69 -9.45
C VAL A 186 -9.11 -17.73 -8.80
N THR A 187 -7.81 -17.71 -9.09
CA THR A 187 -6.91 -18.45 -8.23
CA THR A 187 -6.84 -18.49 -8.35
C THR A 187 -5.82 -17.57 -7.67
N VAL A 188 -5.52 -17.83 -6.40
CA VAL A 188 -4.50 -17.07 -5.69
C VAL A 188 -3.39 -18.06 -5.39
N HIS A 189 -2.19 -17.71 -5.86
CA HIS A 189 -1.00 -18.49 -5.59
C HIS A 189 -0.33 -17.88 -4.35
N MET A 190 -0.29 -18.64 -3.26
CA MET A 190 0.10 -18.11 -1.95
C MET A 190 1.55 -18.51 -1.59
N SER A 191 2.34 -17.52 -1.20
CA SER A 191 3.72 -17.72 -0.75
C SER A 191 3.73 -18.47 0.57
N ALA A 192 4.92 -18.92 0.98
CA ALA A 192 5.10 -19.48 2.32
C ALA A 192 5.35 -18.34 3.30
N ASP A 193 4.63 -18.36 4.41
CA ASP A 193 3.63 -19.40 4.62
C ASP A 193 2.27 -18.84 4.19
N ALA A 194 2.14 -17.50 4.28
CA ALA A 194 0.86 -16.80 4.17
C ALA A 194 -0.10 -17.33 5.24
N ARG A 195 -0.85 -16.46 5.90
CA ARG A 195 -1.60 -16.89 7.08
C ARG A 195 -2.77 -17.82 6.73
N ALA A 196 -2.92 -18.87 7.55
CA ALA A 196 -4.00 -19.83 7.42
C ALA A 196 -5.38 -19.16 7.35
N TRP A 197 -5.58 -18.11 8.15
CA TRP A 197 -6.87 -17.43 8.15
C TRP A 197 -7.22 -16.80 6.79
N LYS A 198 -6.18 -16.36 6.07
CA LYS A 198 -6.38 -15.70 4.78
C LYS A 198 -6.78 -16.70 3.70
N LYS A 199 -6.14 -17.87 3.72
CA LYS A 199 -6.49 -18.97 2.85
C LYS A 199 -7.92 -19.43 3.14
N ALA A 200 -8.26 -19.60 4.43
CA ALA A 200 -9.62 -20.01 4.79
C ALA A 200 -10.64 -19.00 4.31
N LYS A 201 -10.32 -17.70 4.52
CA LYS A 201 -11.20 -16.60 4.12
C LYS A 201 -11.47 -16.62 2.60
N LEU A 202 -10.40 -16.77 1.81
CA LEU A 202 -10.51 -16.87 0.33
C LEU A 202 -11.31 -18.09 -0.12
N ARG A 203 -11.02 -19.24 0.48
CA ARG A 203 -11.76 -20.47 0.16
C ARG A 203 -13.25 -20.35 0.46
N SER A 204 -13.61 -19.57 1.49
CA SER A 204 -15.01 -19.35 1.83
C SER A 204 -15.75 -18.46 0.81
N HIS A 205 -14.98 -17.80 -0.06
CA HIS A 205 -15.52 -16.99 -1.15
C HIS A 205 -15.46 -17.67 -2.52
N GLY A 206 -15.12 -18.95 -2.53
CA GLY A 206 -15.11 -19.72 -3.77
C GLY A 206 -13.85 -19.49 -4.60
N VAL A 207 -12.80 -19.00 -3.94
CA VAL A 207 -11.51 -18.79 -4.59
C VAL A 207 -10.69 -20.09 -4.51
N THR A 208 -9.99 -20.41 -5.60
CA THR A 208 -9.07 -21.53 -5.60
C THR A 208 -7.75 -21.02 -5.00
N VAL A 209 -7.25 -21.66 -3.94
CA VAL A 209 -5.90 -21.29 -3.54
C VAL A 209 -4.92 -22.44 -3.71
N VAL A 210 -3.77 -22.07 -4.28
CA VAL A 210 -2.66 -22.97 -4.54
C VAL A 210 -1.52 -22.58 -3.60
N GLU A 211 -1.12 -23.53 -2.75
CA GLU A 211 -0.13 -23.30 -1.70
C GLU A 211 1.26 -23.82 -2.10
N TYR A 212 2.30 -23.06 -1.79
CA TYR A 212 3.68 -23.46 -2.12
C TYR A 212 4.58 -23.64 -0.88
N GLU A 213 5.84 -23.22 -0.99
CA GLU A 213 6.76 -23.14 0.16
C GLU A 213 8.02 -22.31 -0.14
N GLN A 214 7.94 -21.48 -1.17
CA GLN A 214 8.96 -20.45 -1.42
C GLN A 214 8.36 -19.06 -1.17
N ASP A 215 9.16 -18.01 -1.37
CA ASP A 215 8.72 -16.67 -0.98
C ASP A 215 7.79 -15.98 -2.00
N TYR A 216 7.60 -14.68 -1.82
CA TYR A 216 6.69 -13.87 -2.64
C TYR A 216 7.03 -13.89 -4.14
N GLY A 217 8.30 -13.68 -4.49
CA GLY A 217 8.75 -13.60 -5.88
C GLY A 217 8.50 -14.86 -6.68
N VAL A 218 8.73 -16.02 -6.05
CA VAL A 218 8.42 -17.32 -6.64
C VAL A 218 6.91 -17.50 -6.89
N ALA A 219 6.08 -17.17 -5.88
CA ALA A 219 4.63 -17.26 -5.98
C ALA A 219 4.09 -16.42 -7.14
N VAL A 220 4.56 -15.16 -7.23
CA VAL A 220 4.22 -14.25 -8.33
C VAL A 220 4.68 -14.81 -9.70
N GLU A 221 5.89 -15.36 -9.75
CA GLU A 221 6.42 -15.97 -10.98
C GLU A 221 5.58 -17.15 -11.49
N GLU A 222 5.25 -18.06 -10.59
CA GLU A 222 4.48 -19.26 -10.93
C GLU A 222 3.04 -18.89 -11.32
N GLY A 223 2.50 -17.88 -10.64
CA GLY A 223 1.17 -17.32 -10.97
C GLY A 223 1.09 -16.67 -12.35
N ARG A 224 2.18 -15.97 -12.72
CA ARG A 224 2.33 -15.34 -14.04
C ARG A 224 2.42 -16.39 -15.16
N LYS A 225 3.15 -17.48 -14.87
CA LYS A 225 3.31 -18.60 -15.79
C LYS A 225 1.97 -19.28 -16.08
N ALA A 226 1.17 -19.47 -15.04
CA ALA A 226 -0.12 -20.17 -15.17
C ALA A 226 -1.16 -19.36 -15.95
N ALA A 227 -1.10 -18.03 -15.86
CA ALA A 227 -2.05 -17.14 -16.54
C ALA A 227 -1.73 -16.93 -18.04
N GLN A 228 -0.46 -17.11 -18.42
CA GLN A 228 -0.05 -16.93 -19.81
C GLN A 228 -0.46 -18.14 -20.66
N SER A 229 -0.89 -19.21 -19.99
CA SER A 229 -1.29 -20.45 -20.67
C SER A 229 -2.71 -20.38 -21.27
N ASP A 230 -3.40 -19.24 -21.09
CA ASP A 230 -4.84 -19.10 -21.37
C ASP A 230 -5.19 -17.62 -21.65
N PRO A 231 -5.77 -17.31 -22.84
CA PRO A 231 -6.17 -15.93 -23.24
C PRO A 231 -7.43 -15.41 -22.53
N ASN A 232 -8.05 -16.30 -21.76
CA ASN A 232 -9.13 -15.92 -20.89
C ASN A 232 -8.65 -15.82 -19.43
N CYS A 233 -7.33 -15.93 -19.22
CA CYS A 233 -6.76 -15.74 -17.87
C CYS A 233 -5.89 -14.49 -17.82
N PHE A 234 -6.19 -13.64 -16.84
CA PHE A 234 -5.53 -12.37 -16.69
C PHE A 234 -4.70 -12.43 -15.41
N PHE A 235 -3.39 -12.26 -15.56
CA PHE A 235 -2.52 -12.13 -14.38
C PHE A 235 -2.50 -10.72 -13.79
N ILE A 236 -2.72 -10.64 -12.49
CA ILE A 236 -2.49 -9.40 -11.77
C ILE A 236 -1.01 -9.38 -11.47
N ASP A 237 -0.28 -8.46 -12.08
CA ASP A 237 1.17 -8.41 -11.95
C ASP A 237 1.58 -7.28 -11.03
N ASP A 238 1.85 -7.60 -9.77
CA ASP A 238 2.12 -6.51 -8.87
C ASP A 238 3.53 -5.88 -9.03
N GLU A 239 4.40 -6.53 -9.81
CA GLU A 239 5.71 -5.96 -10.10
C GLU A 239 5.64 -4.94 -11.21
N ASN A 240 4.61 -5.01 -12.05
CA ASN A 240 4.60 -4.23 -13.29
C ASN A 240 3.34 -3.45 -13.60
N SER A 241 2.26 -3.72 -12.87
CA SER A 241 0.98 -3.11 -13.20
C SER A 241 0.90 -1.63 -12.83
N ARG A 242 0.71 -0.80 -13.85
CA ARG A 242 0.44 0.63 -13.68
C ARG A 242 -1.00 0.85 -13.20
N THR A 243 -1.88 -0.08 -13.56
CA THR A 243 -3.27 -0.04 -13.15
C THR A 243 -3.41 -0.13 -11.62
N LEU A 244 -2.69 -1.07 -10.99
CA LEU A 244 -2.62 -1.13 -9.52
C LEU A 244 -2.16 0.21 -8.95
N PHE A 245 -1.05 0.70 -9.51
CA PHE A 245 -0.44 1.96 -9.09
C PHE A 245 -1.49 3.08 -9.11
N LEU A 246 -2.24 3.19 -10.20
CA LEU A 246 -3.25 4.21 -10.35
C LEU A 246 -4.41 4.04 -9.35
N GLY A 247 -4.79 2.79 -9.09
CA GLY A 247 -5.81 2.51 -8.06
C GLY A 247 -5.35 3.01 -6.70
N TYR A 248 -4.08 2.77 -6.37
CA TYR A 248 -3.52 3.33 -5.11
C TYR A 248 -3.52 4.87 -5.10
N SER A 249 -3.24 5.48 -6.26
CA SER A 249 -2.96 6.95 -6.32
C SER A 249 -4.23 7.75 -6.07
N VAL A 250 -5.38 7.09 -6.18
CA VAL A 250 -6.68 7.72 -5.89
C VAL A 250 -6.75 8.24 -4.44
N ALA A 251 -6.01 7.59 -3.53
CA ALA A 251 -5.87 8.03 -2.14
C ALA A 251 -5.41 9.51 -1.95
N GLY A 252 -4.63 10.03 -2.90
CA GLY A 252 -4.12 11.41 -2.83
C GLY A 252 -5.20 12.47 -2.73
N GLN A 253 -6.10 12.51 -3.70
CA GLN A 253 -7.21 13.46 -3.65
CA GLN A 253 -7.22 13.45 -3.67
C GLN A 253 -8.22 13.15 -2.55
N ARG A 254 -8.37 11.87 -2.24
CA ARG A 254 -9.28 11.50 -1.15
C ARG A 254 -8.76 12.11 0.15
N LEU A 255 -7.45 11.99 0.40
CA LEU A 255 -6.84 12.57 1.60
C LEU A 255 -6.90 14.11 1.62
N LYS A 256 -6.66 14.72 0.47
CA LYS A 256 -6.69 16.17 0.35
C LYS A 256 -8.07 16.66 0.76
N ALA A 257 -9.12 15.98 0.28
CA ALA A 257 -10.50 16.31 0.64
C ALA A 257 -10.76 16.12 2.14
N GLN A 258 -10.22 15.07 2.75
CA GLN A 258 -10.29 14.89 4.20
C GLN A 258 -9.60 16.01 4.98
N PHE A 259 -8.41 16.40 4.56
CA PHE A 259 -7.65 17.48 5.23
C PHE A 259 -8.44 18.79 5.15
N ALA A 260 -9.00 19.07 3.97
CA ALA A 260 -9.85 20.25 3.80
C ALA A 260 -11.04 20.22 4.76
N GLN A 261 -11.80 19.11 4.76
CA GLN A 261 -12.92 18.94 5.70
C GLN A 261 -12.55 19.14 7.17
N GLN A 262 -11.39 18.62 7.55
CA GLN A 262 -10.92 18.68 8.91
C GLN A 262 -10.29 20.02 9.26
N GLY A 263 -10.17 20.92 8.28
CA GLY A 263 -9.56 22.23 8.50
C GLY A 263 -8.07 22.20 8.74
N ARG A 264 -7.40 21.21 8.17
CA ARG A 264 -5.97 21.06 8.30
C ARG A 264 -5.27 21.64 7.08
N ILE A 265 -4.35 22.55 7.33
CA ILE A 265 -3.60 23.18 6.24
C ILE A 265 -2.32 22.41 5.90
N VAL A 266 -2.06 22.28 4.60
CA VAL A 266 -0.78 21.82 4.07
C VAL A 266 -0.21 22.88 3.12
N ASP A 267 0.92 23.47 3.51
CA ASP A 267 1.61 24.46 2.72
C ASP A 267 3.07 24.60 3.13
N ALA A 268 3.77 25.62 2.61
CA ALA A 268 5.20 25.78 2.91
C ALA A 268 5.44 25.91 4.41
N ASP A 269 4.51 26.58 5.10
CA ASP A 269 4.64 26.80 6.54
C ASP A 269 4.09 25.65 7.39
N ASN A 270 3.31 24.78 6.75
CA ASN A 270 2.67 23.63 7.41
C ASN A 270 2.91 22.35 6.60
N PRO A 271 4.15 21.85 6.61
CA PRO A 271 4.44 20.70 5.75
C PRO A 271 3.72 19.43 6.22
N LEU A 272 3.61 18.47 5.30
CA LEU A 272 2.99 17.17 5.58
C LEU A 272 4.02 16.13 5.26
N PHE A 273 4.38 15.34 6.28
CA PHE A 273 5.31 14.23 6.09
C PHE A 273 4.47 12.97 6.21
N VAL A 274 4.64 12.06 5.25
CA VAL A 274 3.83 10.83 5.16
C VAL A 274 4.75 9.63 5.16
N TYR A 275 4.40 8.62 5.96
CA TYR A 275 5.24 7.45 6.19
C TYR A 275 4.52 6.18 5.75
N LEU A 276 5.07 5.54 4.71
CA LEU A 276 4.37 4.54 3.90
C LEU A 276 5.08 3.20 3.94
N PRO A 277 4.46 2.14 4.53
CA PRO A 277 5.08 0.82 4.46
C PRO A 277 5.23 0.36 2.99
N CYS A 278 6.31 -0.36 2.70
CA CYS A 278 6.63 -0.69 1.32
C CYS A 278 6.95 -2.16 1.15
N GLY A 279 6.24 -2.81 0.23
CA GLY A 279 6.50 -4.16 -0.18
C GLY A 279 7.25 -4.12 -1.49
N VAL A 280 6.52 -4.34 -2.58
CA VAL A 280 7.07 -4.20 -3.94
C VAL A 280 7.20 -2.73 -4.36
N GLY A 281 6.36 -1.86 -3.80
CA GLY A 281 6.42 -0.43 -4.11
C GLY A 281 5.18 0.14 -4.77
N GLY A 282 4.32 -0.70 -5.33
CA GLY A 282 3.12 -0.17 -6.03
C GLY A 282 2.21 0.63 -5.10
N GLY A 283 1.95 0.08 -3.91
CA GLY A 283 1.08 0.70 -2.90
C GLY A 283 1.62 2.06 -2.48
N PRO A 284 2.79 2.06 -1.82
CA PRO A 284 3.31 3.31 -1.32
C PRO A 284 3.69 4.26 -2.48
N GLY A 285 4.15 3.71 -3.61
CA GLY A 285 4.48 4.55 -4.79
C GLY A 285 3.30 5.27 -5.38
N GLY A 286 2.21 4.52 -5.59
CA GLY A 286 0.96 5.05 -6.10
C GLY A 286 0.34 6.10 -5.20
N VAL A 287 0.26 5.79 -3.89
CA VAL A 287 -0.22 6.76 -2.89
C VAL A 287 0.64 8.04 -2.93
N ALA A 288 1.96 7.87 -2.90
CA ALA A 288 2.88 9.03 -2.94
C ALA A 288 2.67 9.91 -4.19
N PHE A 289 2.44 9.26 -5.33
CA PHE A 289 2.16 9.98 -6.56
C PHE A 289 0.89 10.81 -6.43
N GLY A 290 -0.20 10.19 -5.96
CA GLY A 290 -1.45 10.92 -5.76
C GLY A 290 -1.30 12.05 -4.76
N LEU A 291 -0.49 11.83 -3.73
CA LEU A 291 -0.21 12.85 -2.71
C LEU A 291 0.54 14.05 -3.32
N LYS A 292 1.56 13.76 -4.13
CA LYS A 292 2.32 14.82 -4.82
C LYS A 292 1.42 15.66 -5.74
N LEU A 293 0.54 15.01 -6.51
CA LEU A 293 -0.40 15.75 -7.35
C LEU A 293 -1.35 16.62 -6.53
N ALA A 294 -1.80 16.07 -5.40
CA ALA A 294 -2.71 16.78 -4.49
C ALA A 294 -2.06 17.95 -3.74
N PHE A 295 -0.89 17.71 -3.16
CA PHE A 295 -0.25 18.70 -2.29
C PHE A 295 1.02 19.36 -2.82
N GLY A 296 1.56 18.86 -3.94
CA GLY A 296 2.80 19.38 -4.52
C GLY A 296 4.05 19.18 -3.70
N ASP A 297 4.91 20.20 -3.71
CA ASP A 297 6.21 20.15 -3.05
C ASP A 297 6.09 20.19 -1.52
N HIS A 298 4.89 20.48 -1.02
CA HIS A 298 4.67 20.59 0.44
C HIS A 298 4.41 19.26 1.15
N VAL A 299 4.24 18.19 0.39
CA VAL A 299 4.14 16.85 1.00
C VAL A 299 5.47 16.16 0.81
N HIS A 300 5.95 15.50 1.87
CA HIS A 300 7.22 14.81 1.86
C HIS A 300 7.01 13.34 2.21
N CYS A 301 7.40 12.44 1.30
CA CYS A 301 7.07 11.04 1.45
C CYS A 301 8.25 10.14 1.81
N PHE A 302 8.03 9.23 2.75
CA PHE A 302 9.05 8.31 3.23
C PHE A 302 8.51 6.89 3.16
N PHE A 303 9.34 5.99 2.64
CA PHE A 303 9.06 4.56 2.57
C PHE A 303 9.71 3.86 3.76
N ALA A 304 9.07 2.77 4.22
CA ALA A 304 9.44 2.05 5.41
C ALA A 304 9.40 0.57 5.09
N GLU A 305 10.51 -0.12 5.36
CA GLU A 305 10.63 -1.53 5.03
C GLU A 305 11.19 -2.30 6.21
N PRO A 306 10.93 -3.61 6.26
CA PRO A 306 11.57 -4.44 7.29
C PRO A 306 13.09 -4.53 7.05
N THR A 307 13.87 -4.66 8.12
CA THR A 307 15.33 -4.89 7.99
C THR A 307 15.61 -6.17 7.16
N HIS A 308 14.67 -7.11 7.20
CA HIS A 308 14.82 -8.34 6.43
C HIS A 308 14.30 -8.29 4.98
N SER A 309 13.73 -7.17 4.57
CA SER A 309 13.23 -7.00 3.20
C SER A 309 13.40 -5.57 2.65
N PRO A 310 14.64 -5.01 2.69
CA PRO A 310 14.76 -3.62 2.23
C PRO A 310 14.92 -3.46 0.72
N CYS A 311 14.05 -4.10 -0.07
CA CYS A 311 14.23 -4.17 -1.52
C CYS A 311 14.18 -2.82 -2.24
N MET A 312 13.23 -1.96 -1.85
CA MET A 312 13.09 -0.64 -2.49
C MET A 312 14.21 0.30 -2.12
N LEU A 313 14.54 0.38 -0.83
CA LEU A 313 15.67 1.21 -0.37
C LEU A 313 16.93 0.77 -1.14
N LEU A 314 17.17 -0.53 -1.17
CA LEU A 314 18.34 -1.09 -1.89
C LEU A 314 18.32 -0.73 -3.37
N GLY A 315 17.17 -0.91 -4.03
CA GLY A 315 17.07 -0.61 -5.46
C GLY A 315 17.32 0.85 -5.77
N VAL A 316 16.74 1.74 -4.98
CA VAL A 316 16.86 3.18 -5.24
C VAL A 316 18.27 3.73 -4.87
N HIS A 317 18.75 3.32 -3.70
CA HIS A 317 20.06 3.77 -3.17
C HIS A 317 21.21 3.42 -4.13
N THR A 318 21.19 2.21 -4.69
CA THR A 318 22.23 1.74 -5.62
C THR A 318 22.01 2.14 -7.07
N GLY A 319 20.79 2.56 -7.40
CA GLY A 319 20.41 2.86 -8.78
C GLY A 319 20.19 1.63 -9.65
N LEU A 320 20.16 0.44 -9.04
CA LEU A 320 19.93 -0.79 -9.78
C LEU A 320 18.42 -1.16 -9.86
N HIS A 321 17.64 -0.64 -8.92
CA HIS A 321 16.21 -0.92 -8.83
C HIS A 321 15.92 -2.41 -8.85
N ASP A 322 15.10 -2.87 -9.79
CA ASP A 322 14.73 -4.28 -9.83
C ASP A 322 15.83 -5.21 -10.34
N GLN A 323 16.99 -4.67 -10.72
CA GLN A 323 18.13 -5.51 -11.14
C GLN A 323 18.95 -6.04 -9.97
N ILE A 324 18.57 -5.68 -8.75
CA ILE A 324 19.18 -6.27 -7.55
C ILE A 324 18.07 -6.72 -6.61
N SER A 325 18.38 -7.75 -5.83
CA SER A 325 17.43 -8.25 -4.84
C SER A 325 18.07 -8.19 -3.46
N VAL A 326 17.25 -8.36 -2.42
CA VAL A 326 17.78 -8.42 -1.06
C VAL A 326 18.68 -9.65 -0.84
N GLN A 327 18.34 -10.75 -1.51
CA GLN A 327 19.14 -11.98 -1.43
C GLN A 327 20.51 -11.81 -2.08
N ASP A 328 20.60 -10.98 -3.13
CA ASP A 328 21.91 -10.59 -3.69
C ASP A 328 22.87 -10.06 -2.63
N ILE A 329 22.34 -9.42 -1.58
CA ILE A 329 23.17 -8.93 -0.48
C ILE A 329 23.07 -9.79 0.80
N GLY A 330 22.68 -11.06 0.61
CA GLY A 330 22.67 -12.06 1.68
C GLY A 330 21.55 -11.95 2.70
N ILE A 331 20.54 -11.14 2.40
CA ILE A 331 19.38 -10.97 3.29
C ILE A 331 18.34 -12.05 2.96
N ASP A 332 17.73 -12.64 3.99
CA ASP A 332 16.85 -13.81 3.82
C ASP A 332 15.41 -13.55 3.39
N ASN A 333 14.98 -12.28 3.43
CA ASN A 333 13.58 -11.91 3.12
C ASN A 333 12.55 -12.64 3.99
N LEU A 334 12.93 -12.94 5.22
CA LEU A 334 12.02 -13.54 6.16
C LEU A 334 11.67 -12.52 7.24
N THR A 335 10.40 -12.19 7.34
CA THR A 335 9.94 -11.17 8.29
C THR A 335 8.51 -11.47 8.70
N ALA A 336 8.18 -11.10 9.94
CA ALA A 336 6.81 -11.17 10.46
C ALA A 336 5.86 -10.25 9.69
N ALA A 337 6.44 -9.22 9.05
CA ALA A 337 5.69 -8.27 8.25
C ALA A 337 5.37 -8.86 6.86
N ASP A 338 4.39 -9.77 6.82
CA ASP A 338 4.06 -10.51 5.58
C ASP A 338 3.83 -9.60 4.36
N GLY A 339 3.07 -8.52 4.56
CA GLY A 339 2.73 -7.61 3.48
C GLY A 339 3.97 -6.98 2.84
N LEU A 340 5.07 -6.92 3.59
CA LEU A 340 6.26 -6.21 3.15
C LEU A 340 7.40 -7.12 2.73
N ALA A 341 7.19 -8.45 2.85
CA ALA A 341 8.26 -9.45 2.62
C ALA A 341 8.48 -9.70 1.12
N VAL A 342 8.95 -8.65 0.45
CA VAL A 342 9.18 -8.65 -0.99
C VAL A 342 10.68 -8.45 -1.18
N GLY A 343 11.33 -9.38 -1.87
CA GLY A 343 12.80 -9.39 -2.01
C GLY A 343 13.36 -8.59 -3.17
N ARG A 344 12.50 -8.17 -4.08
CA ARG A 344 12.92 -7.44 -5.26
C ARG A 344 11.93 -6.31 -5.52
N ALA A 345 12.45 -5.10 -5.70
CA ALA A 345 11.62 -3.95 -6.01
C ALA A 345 10.87 -4.07 -7.36
N SER A 346 9.78 -3.32 -7.43
CA SER A 346 8.98 -3.10 -8.65
C SER A 346 9.77 -2.95 -9.94
N GLY A 347 9.15 -3.36 -11.04
CA GLY A 347 9.69 -3.18 -12.39
C GLY A 347 9.78 -1.71 -12.82
N PHE A 348 9.13 -0.80 -12.09
CA PHE A 348 9.00 0.56 -12.55
C PHE A 348 8.86 1.63 -11.47
N VAL A 349 8.43 1.29 -10.26
CA VAL A 349 8.10 2.32 -9.27
C VAL A 349 9.32 3.15 -8.86
N GLY A 350 10.46 2.50 -8.57
CA GLY A 350 11.69 3.19 -8.14
C GLY A 350 12.10 4.28 -9.13
N ARG A 351 12.20 3.94 -10.41
CA ARG A 351 12.57 4.90 -11.42
C ARG A 351 11.52 6.00 -11.59
N ALA A 352 10.25 5.61 -11.56
CA ALA A 352 9.12 6.54 -11.74
C ALA A 352 9.04 7.55 -10.63
N MET A 353 9.44 7.13 -9.43
CA MET A 353 9.17 7.91 -8.23
C MET A 353 10.35 8.45 -7.41
N GLU A 354 11.58 8.06 -7.71
CA GLU A 354 12.70 8.41 -6.82
C GLU A 354 12.86 9.92 -6.60
N ARG A 355 12.67 10.71 -7.65
CA ARG A 355 12.77 12.17 -7.53
C ARG A 355 11.71 12.76 -6.57
N LEU A 356 10.65 11.99 -6.30
CA LEU A 356 9.51 12.46 -5.52
C LEU A 356 9.41 11.82 -4.13
N LEU A 357 10.46 11.11 -3.71
CA LEU A 357 10.50 10.44 -2.42
C LEU A 357 11.65 10.97 -1.58
N ASP A 358 11.33 11.48 -0.40
CA ASP A 358 12.33 12.14 0.46
C ASP A 358 13.29 11.21 1.17
N GLY A 359 12.84 9.98 1.42
CA GLY A 359 13.64 9.06 2.18
C GLY A 359 13.08 7.66 2.29
N PHE A 360 13.93 6.77 2.79
CA PHE A 360 13.68 5.34 2.90
C PHE A 360 14.35 4.86 4.18
N TYR A 361 13.64 4.10 5.01
CA TYR A 361 14.23 3.54 6.22
C TYR A 361 13.78 2.11 6.51
N THR A 362 14.53 1.44 7.38
CA THR A 362 14.21 0.08 7.78
C THR A 362 13.94 0.05 9.30
N LEU A 363 13.17 -0.96 9.72
CA LEU A 363 12.93 -1.22 11.13
C LEU A 363 12.76 -2.72 11.27
N SER A 364 13.11 -3.23 12.45
CA SER A 364 13.07 -4.65 12.75
C SER A 364 11.65 -5.14 13.06
N ASP A 365 11.44 -6.45 13.01
CA ASP A 365 10.14 -7.02 13.42
C ASP A 365 9.80 -6.65 14.87
N GLN A 366 10.80 -6.64 15.76
CA GLN A 366 10.53 -6.36 17.17
C GLN A 366 10.05 -4.93 17.40
N THR A 367 10.66 -3.96 16.72
CA THR A 367 10.18 -2.59 16.70
C THR A 367 8.70 -2.53 16.26
N MET A 368 8.38 -3.20 15.17
CA MET A 368 7.00 -3.26 14.69
C MET A 368 6.06 -3.83 15.76
N TYR A 369 6.45 -4.95 16.37
CA TYR A 369 5.65 -5.57 17.43
C TYR A 369 5.46 -4.68 18.65
N ASP A 370 6.54 -4.04 19.10
CA ASP A 370 6.46 -3.10 20.24
C ASP A 370 5.43 -1.97 19.98
N MET A 371 5.56 -1.32 18.83
CA MET A 371 4.65 -0.24 18.44
C MET A 371 3.20 -0.69 18.26
N LEU A 372 3.02 -1.90 17.72
CA LEU A 372 1.69 -2.48 17.55
C LEU A 372 0.95 -2.55 18.90
N GLY A 373 1.65 -2.97 19.94
CA GLY A 373 1.10 -3.07 21.29
C GLY A 373 0.85 -1.69 21.88
N TRP A 374 1.80 -0.78 21.71
CA TRP A 374 1.59 0.58 22.19
C TRP A 374 0.39 1.25 21.55
N LEU A 375 0.20 1.05 20.25
CA LEU A 375 -0.93 1.67 19.58
C LEU A 375 -2.25 1.13 20.12
N ALA A 376 -2.30 -0.17 20.37
CA ALA A 376 -3.50 -0.80 20.95
C ALA A 376 -3.75 -0.25 22.35
N GLN A 377 -2.70 -0.20 23.16
CA GLN A 377 -2.77 0.39 24.51
C GLN A 377 -3.20 1.86 24.53
N GLU A 378 -2.63 2.66 23.63
CA GLU A 378 -2.80 4.11 23.69
C GLU A 378 -4.01 4.61 22.94
N GLU A 379 -4.37 3.92 21.86
CA GLU A 379 -5.40 4.43 20.96
C GLU A 379 -6.53 3.43 20.69
N GLY A 380 -6.38 2.19 21.15
CA GLY A 380 -7.39 1.12 20.92
C GLY A 380 -7.50 0.68 19.45
N ILE A 381 -6.42 0.85 18.70
CA ILE A 381 -6.41 0.49 17.29
C ILE A 381 -5.48 -0.71 17.20
N ARG A 382 -5.95 -1.79 16.56
CA ARG A 382 -5.22 -3.04 16.44
C ARG A 382 -4.89 -3.28 14.97
N LEU A 383 -3.59 -3.37 14.67
CA LEU A 383 -3.10 -3.47 13.29
C LEU A 383 -2.19 -4.69 13.16
N GLU A 384 -1.91 -5.10 11.94
CA GLU A 384 -0.90 -6.16 11.76
C GLU A 384 0.52 -5.53 11.74
N PRO A 385 1.57 -6.33 12.02
CA PRO A 385 2.94 -5.80 12.08
C PRO A 385 3.38 -4.91 10.90
N SER A 386 3.03 -5.33 9.66
CA SER A 386 3.36 -4.56 8.44
C SER A 386 2.88 -3.11 8.50
N ALA A 387 1.70 -2.92 9.10
CA ALA A 387 1.03 -1.64 9.18
C ALA A 387 1.66 -0.66 10.16
N LEU A 388 2.61 -1.16 10.97
CA LEU A 388 3.37 -0.31 11.88
C LEU A 388 4.66 0.26 11.32
N ALA A 389 5.06 -0.14 10.10
CA ALA A 389 6.35 0.27 9.54
C ALA A 389 6.51 1.80 9.47
N GLY A 390 5.43 2.50 9.11
CA GLY A 390 5.44 3.96 9.08
C GLY A 390 5.55 4.61 10.45
N MET A 391 5.20 3.86 11.50
CA MET A 391 5.06 4.48 12.84
C MET A 391 6.42 4.97 13.41
N ALA A 392 7.50 4.37 12.95
CA ALA A 392 8.84 4.74 13.41
C ALA A 392 9.40 5.96 12.64
N GLY A 393 8.77 6.30 11.51
CA GLY A 393 9.24 7.37 10.62
C GLY A 393 9.37 8.77 11.21
N PRO A 394 8.31 9.23 11.91
CA PRO A 394 8.39 10.60 12.43
C PRO A 394 9.63 10.85 13.28
N GLN A 395 10.05 9.87 14.05
CA GLN A 395 11.23 10.04 14.87
C GLN A 395 12.56 9.94 14.09
N ARG A 396 12.62 9.12 13.04
CA ARG A 396 13.78 9.16 12.12
C ARG A 396 13.98 10.55 11.51
N VAL A 397 12.87 11.16 11.09
CA VAL A 397 12.89 12.46 10.48
C VAL A 397 13.19 13.56 11.48
N CYS A 398 12.47 13.57 12.62
CA CYS A 398 12.68 14.62 13.63
C CYS A 398 14.09 14.62 14.24
N ALA A 399 14.73 13.46 14.30
CA ALA A 399 16.09 13.36 14.85
C ALA A 399 17.18 13.87 13.88
N SER A 400 16.86 13.95 12.58
CA SER A 400 17.86 14.27 11.56
C SER A 400 18.05 15.76 11.25
N VAL A 401 19.11 16.35 11.79
CA VAL A 401 19.42 17.75 11.50
C VAL A 401 19.82 17.93 10.01
N SER A 402 20.54 16.94 9.48
CA SER A 402 20.96 16.97 8.10
C SER A 402 19.78 16.92 7.13
N TYR A 403 18.78 16.08 7.41
CA TYR A 403 17.59 16.05 6.57
C TYR A 403 16.87 17.41 6.61
N GLN A 404 16.76 17.97 7.80
CA GLN A 404 16.06 19.24 7.98
C GLN A 404 16.81 20.37 7.26
N GLN A 405 18.14 20.33 7.34
CA GLN A 405 18.97 21.33 6.64
C GLN A 405 18.93 21.16 5.13
N MET A 406 18.98 19.91 4.65
CA MET A 406 18.82 19.59 3.23
C MET A 406 17.60 20.31 2.62
N HIS A 407 16.48 20.29 3.33
CA HIS A 407 15.23 20.86 2.82
C HIS A 407 14.91 22.27 3.32
N GLY A 408 15.77 22.82 4.18
CA GLY A 408 15.60 24.17 4.70
C GLY A 408 14.47 24.34 5.69
N PHE A 409 14.16 23.28 6.44
CA PHE A 409 13.10 23.32 7.44
C PHE A 409 13.52 24.11 8.67
N SER A 410 12.73 25.13 9.01
CA SER A 410 12.91 25.91 10.25
C SER A 410 12.25 25.23 11.45
N ALA A 411 12.68 25.65 12.66
CA ALA A 411 12.06 25.24 13.93
C ALA A 411 10.55 25.37 13.86
N GLU A 412 10.10 26.53 13.40
CA GLU A 412 8.68 26.86 13.28
C GLU A 412 7.93 25.93 12.30
N GLN A 413 8.54 25.65 11.14
CA GLN A 413 7.92 24.76 10.14
C GLN A 413 7.78 23.35 10.72
N LEU A 414 8.80 22.92 11.48
CA LEU A 414 8.75 21.63 12.16
C LEU A 414 7.66 21.55 13.24
N ARG A 415 7.49 22.63 14.02
CA ARG A 415 6.37 22.70 14.99
C ARG A 415 5.00 22.64 14.32
N ASN A 416 4.91 23.10 13.08
CA ASN A 416 3.65 23.11 12.34
C ASN A 416 3.52 21.95 11.33
N THR A 417 4.40 20.97 11.49
CA THR A 417 4.38 19.80 10.63
C THR A 417 3.22 18.87 11.02
N THR A 418 2.59 18.26 10.02
CA THR A 418 1.73 17.09 10.23
C THR A 418 2.52 15.84 9.85
N HIS A 419 2.62 14.90 10.80
CA HIS A 419 3.17 13.58 10.50
C HIS A 419 2.04 12.56 10.31
N LEU A 420 1.95 12.01 9.11
CA LEU A 420 0.89 11.04 8.84
C LEU A 420 1.45 9.67 8.64
N VAL A 421 1.09 8.77 9.56
CA VAL A 421 1.46 7.34 9.48
C VAL A 421 0.38 6.61 8.68
N TRP A 422 0.79 5.94 7.60
CA TRP A 422 -0.16 5.22 6.75
C TRP A 422 -0.29 3.78 7.19
N ALA A 423 -1.38 3.42 7.87
CA ALA A 423 -1.65 2.05 8.30
C ALA A 423 -2.21 1.29 7.11
N THR A 424 -1.65 0.11 6.81
CA THR A 424 -1.91 -0.56 5.54
C THR A 424 -2.67 -1.89 5.67
N GLY A 425 -2.89 -2.35 6.91
CA GLY A 425 -3.57 -3.64 7.10
C GLY A 425 -3.90 -3.89 8.55
N GLY A 426 -4.83 -4.79 8.79
CA GLY A 426 -5.07 -5.24 10.12
C GLY A 426 -6.53 -5.39 10.50
N GLY A 427 -7.42 -4.65 9.84
CA GLY A 427 -8.84 -4.57 10.23
C GLY A 427 -9.59 -5.88 10.13
N MET A 428 -9.10 -6.80 9.30
CA MET A 428 -9.75 -8.11 9.18
C MET A 428 -9.03 -9.26 9.87
N VAL A 429 -7.95 -8.97 10.59
CA VAL A 429 -7.22 -10.03 11.28
C VAL A 429 -8.10 -10.59 12.42
N PRO A 430 -8.30 -11.92 12.47
CA PRO A 430 -9.11 -12.51 13.55
C PRO A 430 -8.46 -12.34 14.92
N GLU A 431 -9.29 -12.38 15.95
CA GLU A 431 -8.85 -12.21 17.34
C GLU A 431 -7.67 -13.12 17.72
N GLU A 432 -7.72 -14.40 17.35
CA GLU A 432 -6.64 -15.32 17.70
C GLU A 432 -5.28 -14.82 17.17
N GLU A 433 -5.24 -14.41 15.91
CA GLU A 433 -3.99 -13.96 15.29
C GLU A 433 -3.55 -12.62 15.86
N MET A 434 -4.53 -11.75 16.15
CA MET A 434 -4.24 -10.44 16.75
C MET A 434 -3.67 -10.60 18.14
N ASN A 435 -4.24 -11.53 18.91
CA ASN A 435 -3.71 -11.82 20.24
C ASN A 435 -2.26 -12.33 20.20
N GLN A 436 -1.92 -13.14 19.20
CA GLN A 436 -0.53 -13.57 18.94
C GLN A 436 0.41 -12.38 18.70
N TYR A 437 -0.05 -11.41 17.92
CA TYR A 437 0.72 -10.18 17.65
C TYR A 437 0.98 -9.38 18.93
N LEU A 438 -0.08 -9.21 19.72
CA LEU A 438 0.00 -8.45 20.98
C LEU A 438 0.95 -9.11 21.95
N ALA A 439 0.93 -10.44 21.99
CA ALA A 439 1.85 -11.20 22.84
C ALA A 439 3.34 -11.01 22.51
N LYS A 440 3.67 -10.54 21.32
CA LYS A 440 5.07 -10.39 20.93
C LYS A 440 5.76 -9.07 21.34
N GLY A 441 4.98 -8.01 21.50
CA GLY A 441 5.55 -6.71 21.86
C GLY A 441 6.02 -6.61 23.30
N ARG A 442 6.94 -5.70 23.54
CA ARG A 442 7.46 -5.47 24.87
C ARG A 442 6.98 -4.12 25.40
N1 PLP B . 1.39 -3.16 4.07
C2 PLP B . 0.46 -4.15 3.92
C2A PLP B . -0.23 -4.70 5.13
C3 PLP B . 0.18 -4.60 2.63
O3 PLP B . -0.76 -5.60 2.49
C4 PLP B . 0.87 -3.99 1.56
C4A PLP B . 0.43 -4.29 0.17
C5 PLP B . 1.81 -2.97 1.76
C6 PLP B . 2.06 -2.57 3.05
C5A PLP B . 2.59 -2.29 0.66
O4P PLP B . 2.82 -3.23 -0.35
P PLP B . 3.47 -2.98 -1.81
O1P PLP B . 3.93 -4.40 -2.13
O2P PLP B . 4.61 -2.04 -1.69
O3P PLP B . 2.43 -2.45 -2.74
K K C . 10.00 -4.21 0.76
#